data_5GG9
#
_entry.id   5GG9
#
_cell.length_a   42.010
_cell.length_b   83.950
_cell.length_c   44.000
_cell.angle_alpha   90.00
_cell.angle_beta   92.98
_cell.angle_gamma   90.00
#
_symmetry.space_group_name_H-M   'P 1 21 1'
#
loop_
_entity.id
_entity.type
_entity.pdbx_description
1 polymer 'Hydrolase, NUDIX family protein'
2 non-polymer "8-OXO-GUANOSINE-5'-TRIPHOSPHATE"
3 non-polymer '[(2R,3S,4R,5R)-5-[2-azanyl-6,8-bis(oxidanylidene)-1,7-dihydropurin-9-yl]-3,4-bis(oxidanyl)oxolan-2-yl]methyl dihydrogen phosphate'
4 non-polymer 'PYROPHOSPHATE 2-'
5 non-polymer 'MAGNESIUM ION'
6 water water
#
_entity_poly.entity_id   1
_entity_poly.type   'polypeptide(L)'
_entity_poly.pdbx_seq_one_letter_code
;MGSSHHHHHHSSGLVPRGSHMMPVDDLQEIPLSKDTTEKSKHTVRAAGAVLWRDASEHGGTTGHPATVEVAVIHRPRYDD
WSLPKGKLDQGETEPVAAAREIHEETGHTAVLGRRLGRVTYPIPQGTKRVWYWAAKSTGGDFSPNDEVDKLVWLPVDAAM
DQLQYPDDRKVLRRFVKRPVDTKTVLVVRHGTAGRRSRYKGDDRKRPLDKRGRAQAEALVAQLMAFGATTLYAADRVRCH
QTIEPLAQELDQLIHNEPLLTEEAYAADHKAARKRLLEIAGRPGNPVICTQGKVIPGLIEWWCERAKVRPETTGNRKGST
WVLSLSDGELVGADYLSPPDEK
;
_entity_poly.pdbx_strand_id   A
#
# COMPACT_ATOMS: atom_id res chain seq x y z
N LYS A 41 -4.49 15.05 21.67
CA LYS A 41 -4.36 13.56 21.43
C LYS A 41 -5.41 12.94 20.47
N HIS A 42 -6.33 13.75 19.93
CA HIS A 42 -7.17 13.28 18.81
C HIS A 42 -6.43 13.48 17.49
N THR A 43 -6.38 12.43 16.66
CA THR A 43 -5.73 12.50 15.37
C THR A 43 -6.73 12.56 14.24
N VAL A 44 -6.58 13.53 13.35
CA VAL A 44 -7.36 13.57 12.15
C VAL A 44 -6.50 12.92 11.07
N ARG A 45 -6.99 11.81 10.53
CA ARG A 45 -6.17 11.05 9.58
C ARG A 45 -6.39 11.50 8.17
N ALA A 46 -5.27 11.62 7.45
CA ALA A 46 -5.26 12.01 6.06
C ALA A 46 -4.15 11.26 5.31
N ALA A 47 -4.27 11.35 4.00
CA ALA A 47 -3.29 10.79 3.10
C ALA A 47 -3.21 11.59 1.83
N GLY A 48 -2.05 11.46 1.20
CA GLY A 48 -1.87 12.01 -0.15
C GLY A 48 -0.64 11.49 -0.85
N ALA A 49 -0.11 12.27 -1.78
CA ALA A 49 0.91 11.76 -2.66
C ALA A 49 1.83 12.80 -3.28
N VAL A 50 3.01 12.31 -3.62
CA VAL A 50 3.82 12.91 -4.70
C VAL A 50 3.36 12.25 -6.01
N LEU A 51 2.54 12.97 -6.70
CA LEU A 51 2.00 12.53 -8.01
C LEU A 51 3.02 12.90 -9.07
N TRP A 52 3.42 11.93 -9.86
CA TRP A 52 4.55 12.13 -10.82
C TRP A 52 4.23 11.58 -12.20
N ARG A 53 4.91 12.14 -13.19
CA ARG A 53 4.84 11.63 -14.56
C ARG A 53 6.22 11.78 -15.21
N ASP A 54 6.46 10.97 -16.25
CA ASP A 54 7.59 11.13 -17.20
C ASP A 54 7.33 12.39 -18.02
N PRO A 65 13.74 9.54 -12.57
CA PRO A 65 14.61 10.02 -11.48
C PRO A 65 14.94 11.53 -11.50
N ALA A 66 14.89 12.15 -12.70
CA ALA A 66 15.33 13.55 -12.92
C ALA A 66 14.94 14.07 -14.33
N THR A 67 14.18 13.26 -15.04
CA THR A 67 13.29 13.68 -16.10
C THR A 67 11.85 13.70 -15.54
N VAL A 68 11.70 13.33 -14.27
CA VAL A 68 10.39 13.28 -13.64
C VAL A 68 9.84 14.68 -13.32
N GLU A 69 8.52 14.81 -13.45
CA GLU A 69 7.82 16.04 -13.12
C GLU A 69 6.83 15.63 -12.00
N VAL A 70 6.66 16.51 -11.03
CA VAL A 70 5.75 16.24 -9.96
C VAL A 70 4.75 17.37 -9.83
N ALA A 71 3.59 17.05 -9.29
CA ALA A 71 2.49 17.93 -9.23
C ALA A 71 2.49 18.69 -7.91
N VAL A 72 2.37 20.01 -8.00
CA VAL A 72 2.21 20.87 -6.83
C VAL A 72 1.00 21.74 -6.97
N ILE A 73 0.14 21.77 -5.96
CA ILE A 73 -1.14 22.44 -6.08
C ILE A 73 -1.24 23.71 -5.26
N HIS A 74 -2.09 24.65 -5.69
CA HIS A 74 -2.41 25.85 -4.96
C HIS A 74 -3.86 25.84 -4.52
N ARG A 75 -4.07 26.19 -3.29
CA ARG A 75 -5.38 26.25 -2.67
C ARG A 75 -5.66 27.69 -2.25
N PRO A 76 -6.69 28.31 -2.80
CA PRO A 76 -7.04 29.70 -2.45
C PRO A 76 -7.40 29.95 -1.00
N ARG A 77 -8.03 28.97 -0.35
CA ARG A 77 -8.49 29.15 1.01
C ARG A 77 -7.32 29.43 1.96
N TYR A 78 -6.17 28.84 1.68
CA TYR A 78 -4.98 28.98 2.52
C TYR A 78 -3.88 29.79 1.83
N ASP A 79 -4.06 30.09 0.56
CA ASP A 79 -3.01 30.59 -0.34
C ASP A 79 -1.74 29.77 -0.18
N ASP A 80 -1.86 28.43 -0.21
CA ASP A 80 -0.66 27.62 -0.06
C ASP A 80 -0.32 26.81 -1.29
N TRP A 81 0.96 26.42 -1.38
CA TRP A 81 1.43 25.51 -2.38
C TRP A 81 1.88 24.28 -1.62
N SER A 82 1.33 23.12 -2.04
CA SER A 82 1.52 21.87 -1.27
C SER A 82 1.31 20.64 -2.15
N LEU A 83 1.36 19.49 -1.50
CA LEU A 83 1.05 18.23 -2.11
C LEU A 83 -0.43 17.86 -1.97
N PRO A 84 -0.98 17.21 -3.01
CA PRO A 84 -2.35 16.79 -2.95
C PRO A 84 -2.56 15.76 -1.81
N LYS A 85 -3.60 16.00 -1.01
CA LYS A 85 -3.93 15.13 0.08
C LYS A 85 -5.26 15.47 0.66
N GLY A 86 -5.82 14.57 1.44
CA GLY A 86 -7.00 14.90 2.18
C GLY A 86 -7.37 13.89 3.20
N LYS A 87 -8.41 14.25 3.92
CA LYS A 87 -8.84 13.44 5.06
C LYS A 87 -9.53 12.16 4.64
N LEU A 88 -9.31 11.12 5.44
CA LEU A 88 -9.97 9.85 5.20
C LEU A 88 -11.46 9.96 5.53
N ASP A 89 -12.29 9.39 4.66
CA ASP A 89 -13.71 9.31 4.96
C ASP A 89 -13.91 8.12 5.87
N GLN A 90 -15.08 8.11 6.53
CA GLN A 90 -15.44 6.98 7.36
C GLN A 90 -15.25 5.69 6.59
N GLY A 91 -14.58 4.73 7.20
CA GLY A 91 -14.35 3.45 6.57
C GLY A 91 -13.22 3.33 5.51
N GLU A 92 -12.57 4.43 5.17
CA GLU A 92 -11.52 4.42 4.17
C GLU A 92 -10.16 4.10 4.78
N THR A 93 -9.29 3.47 4.03
CA THR A 93 -7.87 3.32 4.45
C THR A 93 -7.06 4.42 3.80
N GLU A 94 -5.85 4.61 4.30
CA GLU A 94 -4.98 5.66 3.83
C GLU A 94 -4.76 5.58 2.33
N PRO A 95 -4.43 4.39 1.77
CA PRO A 95 -4.17 4.31 0.31
C PRO A 95 -5.37 4.68 -0.53
N VAL A 96 -6.55 4.22 -0.09
CA VAL A 96 -7.78 4.50 -0.81
C VAL A 96 -8.03 6.01 -0.79
N ALA A 97 -7.81 6.62 0.35
CA ALA A 97 -8.00 8.07 0.47
C ALA A 97 -6.96 8.81 -0.38
N ALA A 98 -5.72 8.34 -0.40
CA ALA A 98 -4.71 9.03 -1.20
C ALA A 98 -5.14 9.06 -2.68
N ALA A 99 -5.52 7.89 -3.18
CA ALA A 99 -5.90 7.83 -4.59
C ALA A 99 -7.11 8.70 -4.88
N ARG A 100 -8.09 8.72 -4.00
CA ARG A 100 -9.29 9.49 -4.17
C ARG A 100 -8.98 10.97 -4.12
N GLU A 101 -8.23 11.40 -3.13
CA GLU A 101 -7.90 12.82 -2.99
C GLU A 101 -7.04 13.34 -4.17
N ILE A 102 -6.10 12.53 -4.66
CA ILE A 102 -5.28 12.81 -5.87
C ILE A 102 -6.24 13.08 -7.02
N HIS A 103 -7.22 12.20 -7.18
CA HIS A 103 -8.16 12.39 -8.27
C HIS A 103 -9.03 13.61 -8.11
N GLU A 104 -9.57 13.82 -6.90
CA GLU A 104 -10.39 14.96 -6.63
C GLU A 104 -9.64 16.27 -6.79
N GLU A 105 -8.37 16.32 -6.42
CA GLU A 105 -7.69 17.61 -6.39
C GLU A 105 -6.96 17.89 -7.66
N THR A 106 -6.51 16.87 -8.38
CA THR A 106 -5.65 17.03 -9.59
C THR A 106 -6.36 16.64 -10.89
N GLY A 107 -7.42 15.86 -10.75
CA GLY A 107 -8.06 15.26 -11.94
C GLY A 107 -7.41 13.99 -12.44
N HIS A 108 -6.33 13.53 -11.84
CA HIS A 108 -5.63 12.36 -12.30
C HIS A 108 -5.98 11.11 -11.53
N THR A 109 -6.08 10.02 -12.27
CA THR A 109 -5.99 8.71 -11.69
C THR A 109 -4.50 8.38 -11.57
N ALA A 110 -4.16 7.37 -10.76
CA ALA A 110 -2.78 7.05 -10.48
C ALA A 110 -2.68 5.65 -9.92
N VAL A 111 -1.47 5.10 -9.93
CA VAL A 111 -1.16 3.87 -9.19
C VAL A 111 -0.17 4.22 -8.09
N LEU A 112 -0.53 3.89 -6.85
CA LEU A 112 0.35 4.09 -5.72
C LEU A 112 1.46 3.08 -5.72
N GLY A 113 2.65 3.55 -5.34
CA GLY A 113 3.85 2.73 -5.19
C GLY A 113 4.37 2.75 -3.79
N ARG A 114 5.60 3.20 -3.61
CA ARG A 114 6.28 3.29 -2.34
C ARG A 114 5.68 4.33 -1.40
N ARG A 115 5.59 3.98 -0.13
CA ARG A 115 5.16 4.93 0.91
C ARG A 115 6.34 5.82 1.23
N LEU A 116 6.12 7.10 1.39
CA LEU A 116 7.16 8.12 1.59
C LEU A 116 7.15 8.84 2.98
N GLY A 117 6.53 8.26 3.98
CA GLY A 117 6.62 8.78 5.35
C GLY A 117 5.32 9.49 5.78
N ARG A 118 5.36 10.00 7.00
CA ARG A 118 4.25 10.53 7.72
C ARG A 118 4.62 11.94 8.10
N VAL A 119 3.65 12.84 8.05
CA VAL A 119 3.79 14.23 8.49
C VAL A 119 2.72 14.47 9.54
N THR A 120 3.06 15.16 10.62
CA THR A 120 2.03 15.52 11.61
C THR A 120 2.20 17.00 11.96
N TYR A 121 1.07 17.66 12.19
CA TYR A 121 1.07 19.04 12.67
C TYR A 121 -0.19 19.32 13.47
N PRO A 122 -0.13 20.36 14.31
CA PRO A 122 -1.28 20.70 15.15
C PRO A 122 -2.39 21.42 14.39
N ILE A 123 -3.62 21.05 14.72
CA ILE A 123 -4.80 21.69 14.18
C ILE A 123 -5.76 21.83 15.38
N PRO A 124 -6.76 22.70 15.27
CA PRO A 124 -7.68 22.88 16.40
C PRO A 124 -8.24 21.57 16.95
N GLN A 125 -8.56 20.61 16.08
CA GLN A 125 -9.08 19.33 16.55
C GLN A 125 -8.06 18.40 17.23
N GLY A 126 -6.79 18.77 17.24
CA GLY A 126 -5.76 17.91 17.77
C GLY A 126 -4.56 17.85 16.85
N THR A 127 -4.33 16.68 16.25
CA THR A 127 -3.14 16.47 15.44
C THR A 127 -3.58 15.99 14.08
N LYS A 128 -3.11 16.65 13.03
CA LYS A 128 -3.32 16.20 11.61
C LYS A 128 -2.21 15.26 11.28
N ARG A 129 -2.58 14.08 10.79
CA ARG A 129 -1.58 13.08 10.43
C ARG A 129 -1.76 12.78 8.96
N VAL A 130 -0.67 12.86 8.19
CA VAL A 130 -0.76 12.65 6.71
C VAL A 130 0.29 11.61 6.33
N TRP A 131 -0.18 10.48 5.82
CA TRP A 131 0.73 9.56 5.14
C TRP A 131 0.76 9.81 3.65
N TYR A 132 1.99 9.81 3.10
CA TYR A 132 2.23 10.10 1.71
C TYR A 132 2.76 8.91 0.96
N TRP A 133 2.29 8.76 -0.27
CA TRP A 133 2.79 7.81 -1.27
C TRP A 133 3.37 8.45 -2.54
N ALA A 134 4.30 7.75 -3.18
CA ALA A 134 4.60 7.99 -4.59
C ALA A 134 3.45 7.48 -5.40
N ALA A 135 3.02 8.28 -6.35
CA ALA A 135 1.84 7.95 -7.15
C ALA A 135 2.10 8.28 -8.61
N LYS A 136 2.18 7.24 -9.43
CA LYS A 136 2.41 7.46 -10.88
C LYS A 136 1.10 7.77 -11.58
N SER A 137 1.02 8.95 -12.23
CA SER A 137 -0.17 9.33 -12.96
C SER A 137 -0.53 8.31 -14.05
N THR A 138 -1.82 8.01 -14.14
CA THR A 138 -2.31 7.19 -15.22
C THR A 138 -3.31 8.02 -16.01
N GLY A 139 -3.14 9.32 -15.90
CA GLY A 139 -3.81 10.25 -16.76
C GLY A 139 -4.90 11.06 -16.12
N GLY A 140 -5.29 12.09 -16.84
CA GLY A 140 -6.37 12.94 -16.39
C GLY A 140 -6.07 14.36 -16.77
N ASP A 141 -6.95 15.27 -16.43
CA ASP A 141 -6.68 16.68 -16.71
C ASP A 141 -7.14 17.51 -15.55
N PHE A 142 -6.28 18.44 -15.14
CA PHE A 142 -6.63 19.32 -14.09
C PHE A 142 -7.61 20.35 -14.59
N SER A 143 -8.63 20.66 -13.79
CA SER A 143 -9.40 21.88 -14.00
C SER A 143 -9.54 22.73 -12.75
N PRO A 144 -9.16 24.02 -12.87
CA PRO A 144 -9.21 24.89 -11.72
C PRO A 144 -10.58 25.04 -11.12
N ASN A 145 -10.64 25.16 -9.83
CA ASN A 145 -11.87 25.41 -9.12
C ASN A 145 -11.59 26.20 -7.84
N ASP A 146 -12.61 26.40 -7.01
CA ASP A 146 -12.46 27.12 -5.74
C ASP A 146 -11.61 26.39 -4.70
N GLU A 147 -11.51 25.07 -4.79
CA GLU A 147 -10.74 24.31 -3.79
C GLU A 147 -9.23 24.26 -4.14
N VAL A 148 -8.94 23.97 -5.39
CA VAL A 148 -7.60 23.96 -5.96
C VAL A 148 -7.61 24.76 -7.27
N ASP A 149 -6.95 25.91 -7.31
CA ASP A 149 -7.05 26.77 -8.47
C ASP A 149 -5.89 26.70 -9.43
N LYS A 150 -4.78 26.10 -9.03
CA LYS A 150 -3.68 25.89 -9.89
C LYS A 150 -2.97 24.59 -9.59
N LEU A 151 -2.45 23.97 -10.64
CA LEU A 151 -1.64 22.80 -10.55
C LEU A 151 -0.45 22.97 -11.49
N VAL A 152 0.75 22.87 -10.95
CA VAL A 152 1.94 22.98 -11.78
C VAL A 152 2.70 21.70 -11.74
N TRP A 153 3.22 21.30 -12.91
CA TRP A 153 4.04 20.13 -13.04
C TRP A 153 5.47 20.67 -13.11
N LEU A 154 6.27 20.23 -12.15
CA LEU A 154 7.64 20.72 -11.98
C LEU A 154 8.68 19.62 -11.85
N PRO A 155 9.88 19.88 -12.37
CA PRO A 155 10.94 19.02 -11.95
C PRO A 155 11.20 19.17 -10.45
N VAL A 156 11.79 18.17 -9.86
CA VAL A 156 11.99 18.10 -8.43
C VAL A 156 12.64 19.36 -7.84
N ASP A 157 13.70 19.90 -8.46
CA ASP A 157 14.35 21.08 -7.86
C ASP A 157 13.41 22.21 -7.75
N ALA A 158 12.73 22.49 -8.85
CA ALA A 158 11.80 23.58 -8.88
C ALA A 158 10.61 23.28 -7.95
N ALA A 159 10.15 22.03 -7.93
CA ALA A 159 9.08 21.67 -6.93
C ALA A 159 9.51 21.91 -5.50
N MET A 160 10.74 21.56 -5.17
CA MET A 160 11.31 21.84 -3.86
C MET A 160 11.16 23.34 -3.47
N ASP A 161 11.46 24.24 -4.41
CA ASP A 161 11.28 25.70 -4.16
C ASP A 161 9.81 26.15 -4.09
N GLN A 162 8.94 25.49 -4.85
CA GLN A 162 7.53 25.83 -4.89
C GLN A 162 6.81 25.38 -3.64
N LEU A 163 7.19 24.21 -3.09
CA LEU A 163 6.54 23.66 -1.88
C LEU A 163 6.88 24.57 -0.66
N GLN A 164 5.87 25.13 -0.04
CA GLN A 164 6.13 26.07 1.07
C GLN A 164 6.39 25.42 2.42
N TYR A 165 5.86 24.23 2.65
CA TYR A 165 5.96 23.54 3.95
C TYR A 165 7.24 22.67 4.01
N PRO A 166 8.07 22.89 5.05
CA PRO A 166 9.21 22.04 5.19
C PRO A 166 8.97 20.54 5.14
N ASP A 167 7.90 20.12 5.72
CA ASP A 167 7.60 18.70 5.72
C ASP A 167 7.18 18.16 4.37
N ASP A 168 6.56 18.98 3.53
CA ASP A 168 6.40 18.53 2.12
C ASP A 168 7.74 18.34 1.37
N ARG A 169 8.69 19.23 1.63
CA ARG A 169 10.01 19.12 1.06
C ARG A 169 10.69 17.85 1.56
N LYS A 170 10.51 17.54 2.84
CA LYS A 170 11.00 16.31 3.43
C LYS A 170 10.46 15.07 2.69
N VAL A 171 9.15 15.06 2.41
CA VAL A 171 8.55 13.97 1.66
C VAL A 171 9.15 13.87 0.23
N LEU A 172 9.30 15.00 -0.43
CA LEU A 172 9.87 15.06 -1.75
C LEU A 172 11.33 14.60 -1.76
N ARG A 173 12.08 14.89 -0.69
CA ARG A 173 13.43 14.35 -0.56
C ARG A 173 13.41 12.82 -0.47
N ARG A 174 12.42 12.30 0.26
N ARG A 174 12.43 12.26 0.25
CA ARG A 174 12.25 10.85 0.38
CA ARG A 174 12.31 10.79 0.29
C ARG A 174 11.92 10.21 -0.99
C ARG A 174 11.95 10.18 -1.05
N PHE A 175 11.08 10.86 -1.79
CA PHE A 175 10.70 10.45 -3.11
C PHE A 175 11.91 10.26 -4.04
N VAL A 176 12.85 11.20 -4.00
CA VAL A 176 14.01 11.14 -4.90
C VAL A 176 15.09 10.17 -4.43
N LYS A 177 15.06 9.81 -3.15
CA LYS A 177 16.07 8.91 -2.55
C LYS A 177 16.15 7.50 -3.21
N ARG A 178 15.04 7.02 -3.77
CA ARG A 178 14.97 5.68 -4.31
C ARG A 178 14.19 5.74 -5.59
N PRO A 179 14.28 4.69 -6.42
CA PRO A 179 13.52 4.62 -7.64
C PRO A 179 12.01 4.75 -7.35
N VAL A 180 11.28 5.31 -8.29
CA VAL A 180 9.80 5.41 -8.16
C VAL A 180 9.00 4.66 -9.24
N ASP A 181 9.67 4.24 -10.29
CA ASP A 181 9.00 3.43 -11.28
C ASP A 181 9.03 1.97 -10.86
N THR A 182 8.19 1.63 -9.89
CA THR A 182 8.32 0.36 -9.20
C THR A 182 7.21 -0.59 -9.56
N LYS A 183 7.51 -1.87 -9.43
CA LYS A 183 6.55 -2.92 -9.51
C LYS A 183 6.25 -3.27 -8.04
N THR A 184 5.14 -3.95 -7.81
CA THR A 184 4.64 -4.09 -6.45
C THR A 184 4.16 -5.51 -6.14
N VAL A 185 4.60 -6.05 -5.00
CA VAL A 185 4.17 -7.34 -4.50
C VAL A 185 3.41 -7.03 -3.18
N LEU A 186 2.20 -7.55 -3.06
CA LEU A 186 1.29 -7.24 -1.95
C LEU A 186 1.06 -8.49 -1.13
N VAL A 187 1.68 -8.56 0.05
CA VAL A 187 1.56 -9.74 0.88
C VAL A 187 0.53 -9.47 1.97
N VAL A 188 -0.50 -10.27 2.02
CA VAL A 188 -1.65 -10.03 2.82
C VAL A 188 -1.84 -11.18 3.79
N ARG A 189 -1.96 -10.82 5.07
CA ARG A 189 -2.40 -11.82 6.04
C ARG A 189 -3.90 -11.94 5.92
N HIS A 190 -4.38 -13.18 5.80
CA HIS A 190 -5.85 -13.39 5.71
C HIS A 190 -6.59 -12.71 6.84
N GLY A 191 -7.84 -12.44 6.54
CA GLY A 191 -8.74 -11.86 7.49
C GLY A 191 -9.13 -12.73 8.68
N THR A 192 -9.85 -12.11 9.64
CA THR A 192 -10.25 -12.80 10.86
C THR A 192 -11.19 -14.00 10.53
N ALA A 193 -10.91 -15.09 11.21
CA ALA A 193 -11.46 -16.41 10.86
C ALA A 193 -11.74 -17.24 12.13
N GLY A 194 -12.25 -16.56 13.15
CA GLY A 194 -12.51 -17.21 14.45
C GLY A 194 -11.22 -17.70 15.08
N ARG A 195 -11.32 -18.73 15.91
CA ARG A 195 -10.24 -19.16 16.76
C ARG A 195 -9.84 -20.54 16.32
N ARG A 196 -8.55 -20.83 16.33
CA ARG A 196 -8.06 -22.15 16.08
C ARG A 196 -8.73 -23.16 16.94
N SER A 197 -8.97 -24.35 16.39
CA SER A 197 -9.63 -25.40 17.15
C SER A 197 -8.59 -26.06 18.06
N ARG A 198 -9.05 -26.96 18.92
CA ARG A 198 -8.14 -27.75 19.80
C ARG A 198 -7.27 -28.78 19.06
N TYR A 199 -7.51 -28.99 17.77
CA TYR A 199 -6.79 -30.01 17.04
C TYR A 199 -5.41 -29.54 16.67
N LYS A 200 -4.57 -30.54 16.38
CA LYS A 200 -3.23 -30.35 15.85
C LYS A 200 -3.27 -29.76 14.46
N GLY A 201 -2.26 -28.96 14.16
CA GLY A 201 -2.18 -28.34 12.88
C GLY A 201 -3.14 -27.17 12.80
N ASP A 202 -3.74 -27.03 11.63
CA ASP A 202 -4.14 -25.73 11.17
C ASP A 202 -5.63 -25.34 11.20
N ASP A 203 -6.43 -26.26 10.70
CA ASP A 203 -7.84 -26.12 10.40
C ASP A 203 -7.92 -25.68 8.96
N ARG A 204 -7.69 -26.59 8.05
CA ARG A 204 -7.56 -26.24 6.63
C ARG A 204 -8.76 -25.49 6.09
N LYS A 205 -9.97 -25.83 6.55
CA LYS A 205 -11.19 -25.33 5.93
C LYS A 205 -11.87 -24.28 6.80
N ARG A 206 -11.26 -23.88 7.91
CA ARG A 206 -11.87 -22.87 8.76
C ARG A 206 -12.09 -21.55 7.97
N PRO A 207 -13.32 -21.03 7.93
CA PRO A 207 -13.58 -19.88 7.05
C PRO A 207 -13.42 -18.54 7.76
N LEU A 208 -13.41 -17.50 6.96
CA LEU A 208 -13.50 -16.16 7.50
C LEU A 208 -14.77 -16.01 8.32
N ASP A 209 -14.71 -15.25 9.36
CA ASP A 209 -15.91 -14.87 10.17
C ASP A 209 -16.53 -13.61 9.56
N LYS A 210 -17.56 -13.08 10.20
CA LYS A 210 -18.27 -11.96 9.61
C LYS A 210 -17.34 -10.77 9.45
N ARG A 211 -16.57 -10.48 10.48
CA ARG A 211 -15.60 -9.39 10.38
C ARG A 211 -14.60 -9.63 9.26
N GLY A 212 -14.13 -10.87 9.15
CA GLY A 212 -13.12 -11.21 8.15
C GLY A 212 -13.65 -11.09 6.75
N ARG A 213 -14.94 -11.42 6.54
CA ARG A 213 -15.55 -11.26 5.22
C ARG A 213 -15.62 -9.75 4.89
N ALA A 214 -15.89 -8.93 5.91
CA ALA A 214 -15.88 -7.51 5.68
C ALA A 214 -14.48 -6.95 5.37
N GLN A 215 -13.49 -7.45 6.08
CA GLN A 215 -12.07 -7.16 5.72
C GLN A 215 -11.78 -7.50 4.25
N ALA A 216 -12.19 -8.68 3.82
CA ALA A 216 -11.97 -9.12 2.44
C ALA A 216 -12.60 -8.12 1.46
N GLU A 217 -13.80 -7.70 1.76
CA GLU A 217 -14.46 -6.75 0.86
C GLU A 217 -13.75 -5.42 0.83
N ALA A 218 -13.27 -5.00 2.01
CA ALA A 218 -12.56 -3.69 2.16
C ALA A 218 -11.17 -3.71 1.49
N LEU A 219 -10.60 -4.88 1.39
CA LEU A 219 -9.31 -5.00 0.80
C LEU A 219 -9.30 -4.77 -0.69
N VAL A 220 -10.45 -4.86 -1.35
CA VAL A 220 -10.48 -4.74 -2.79
C VAL A 220 -9.96 -3.34 -3.18
N ALA A 221 -10.53 -2.33 -2.57
CA ALA A 221 -10.14 -0.96 -2.90
C ALA A 221 -8.69 -0.68 -2.50
N GLN A 222 -8.29 -1.20 -1.36
N GLN A 222 -8.30 -1.21 -1.33
CA GLN A 222 -6.91 -1.01 -0.95
CA GLN A 222 -6.91 -1.16 -0.82
C GLN A 222 -5.90 -1.67 -1.89
C GLN A 222 -5.90 -1.70 -1.83
N LEU A 223 -6.15 -2.91 -2.32
CA LEU A 223 -5.20 -3.56 -3.23
C LEU A 223 -5.27 -3.00 -4.65
N MET A 224 -6.44 -2.54 -5.07
CA MET A 224 -6.54 -1.88 -6.35
C MET A 224 -5.81 -0.56 -6.41
N ALA A 225 -5.65 0.09 -5.25
CA ALA A 225 -4.94 1.36 -5.23
C ALA A 225 -3.49 1.20 -5.74
N PHE A 226 -2.89 0.03 -5.47
CA PHE A 226 -1.54 -0.34 -5.87
C PHE A 226 -1.49 -1.07 -7.22
N GLY A 227 -2.61 -1.16 -7.91
CA GLY A 227 -2.65 -1.80 -9.19
C GLY A 227 -2.40 -3.29 -9.16
N ALA A 228 -2.98 -3.96 -8.18
CA ALA A 228 -2.89 -5.42 -8.15
C ALA A 228 -3.43 -5.99 -9.48
N THR A 229 -2.77 -7.01 -9.99
CA THR A 229 -3.22 -7.67 -11.20
C THR A 229 -3.36 -9.15 -11.13
N THR A 230 -2.56 -9.82 -10.30
CA THR A 230 -2.60 -11.29 -10.23
C THR A 230 -2.70 -11.77 -8.80
N LEU A 231 -3.30 -12.94 -8.60
CA LEU A 231 -3.71 -13.36 -7.26
C LEU A 231 -3.18 -14.74 -6.92
N TYR A 232 -2.65 -14.86 -5.71
CA TYR A 232 -2.05 -16.07 -5.17
C TYR A 232 -2.51 -16.23 -3.70
N ALA A 233 -2.89 -17.43 -3.26
CA ALA A 233 -3.23 -17.69 -1.86
C ALA A 233 -2.70 -19.01 -1.41
N ALA A 234 -2.18 -19.04 -0.19
CA ALA A 234 -1.82 -20.28 0.44
C ALA A 234 -3.02 -21.20 0.47
N ASP A 235 -2.71 -22.50 0.56
CA ASP A 235 -3.67 -23.59 0.50
C ASP A 235 -4.54 -23.80 1.72
N ARG A 236 -5.23 -22.73 2.11
CA ARG A 236 -6.17 -22.70 3.18
C ARG A 236 -7.39 -21.89 2.75
N VAL A 237 -8.57 -22.30 3.17
CA VAL A 237 -9.82 -21.66 2.75
C VAL A 237 -9.83 -20.18 3.16
N ARG A 238 -9.38 -19.91 4.37
CA ARG A 238 -9.42 -18.52 4.85
C ARG A 238 -8.51 -17.58 4.05
N CYS A 239 -7.43 -18.11 3.43
CA CYS A 239 -6.56 -17.28 2.58
C CYS A 239 -7.24 -17.00 1.24
N HIS A 240 -7.81 -18.05 0.62
CA HIS A 240 -8.55 -17.81 -0.61
C HIS A 240 -9.70 -16.86 -0.41
N GLN A 241 -10.46 -17.00 0.66
CA GLN A 241 -11.62 -16.17 0.89
C GLN A 241 -11.27 -14.70 1.09
N THR A 242 -10.05 -14.44 1.57
CA THR A 242 -9.66 -13.04 1.78
C THR A 242 -9.51 -12.30 0.46
N ILE A 243 -9.11 -13.03 -0.59
CA ILE A 243 -8.88 -12.38 -1.86
C ILE A 243 -9.91 -12.68 -2.93
N GLU A 244 -10.90 -13.49 -2.58
CA GLU A 244 -12.05 -13.76 -3.47
C GLU A 244 -12.82 -12.51 -3.90
N PRO A 245 -13.09 -11.57 -3.00
CA PRO A 245 -13.72 -10.35 -3.54
C PRO A 245 -12.88 -9.64 -4.56
N LEU A 246 -11.55 -9.60 -4.38
CA LEU A 246 -10.68 -9.04 -5.37
C LEU A 246 -10.68 -9.87 -6.67
N ALA A 247 -10.67 -11.18 -6.51
CA ALA A 247 -10.76 -12.05 -7.67
C ALA A 247 -12.01 -11.73 -8.50
N GLN A 248 -13.12 -11.50 -7.82
CA GLN A 248 -14.40 -11.24 -8.52
C GLN A 248 -14.29 -9.91 -9.23
N GLU A 249 -13.66 -8.95 -8.58
CA GLU A 249 -13.51 -7.62 -9.16
C GLU A 249 -12.62 -7.62 -10.40
N LEU A 250 -11.51 -8.37 -10.36
CA LEU A 250 -10.57 -8.45 -11.48
C LEU A 250 -11.01 -9.49 -12.52
N ASP A 251 -12.00 -10.30 -12.20
CA ASP A 251 -12.31 -11.54 -12.90
C ASP A 251 -11.04 -12.35 -13.18
N GLN A 252 -10.28 -12.68 -12.13
CA GLN A 252 -9.07 -13.48 -12.22
C GLN A 252 -9.20 -14.68 -11.29
N LEU A 253 -8.48 -15.75 -11.61
CA LEU A 253 -8.48 -16.88 -10.73
C LEU A 253 -7.41 -16.64 -9.70
N ILE A 254 -7.57 -17.30 -8.57
CA ILE A 254 -6.54 -17.29 -7.54
C ILE A 254 -5.63 -18.52 -7.70
N HIS A 255 -4.33 -18.34 -7.89
N HIS A 255 -4.32 -18.32 -7.76
CA HIS A 255 -3.43 -19.50 -7.91
CA HIS A 255 -3.38 -19.42 -7.87
C HIS A 255 -3.35 -20.03 -6.48
C HIS A 255 -3.07 -20.03 -6.48
N ASN A 256 -3.26 -21.34 -6.32
CA ASN A 256 -3.13 -21.98 -5.03
C ASN A 256 -1.68 -22.23 -4.75
N GLU A 257 -1.28 -22.01 -3.48
CA GLU A 257 0.11 -22.06 -3.08
C GLU A 257 0.36 -22.92 -1.86
N PRO A 258 0.50 -24.24 -2.09
CA PRO A 258 0.78 -25.11 -0.97
C PRO A 258 2.09 -24.89 -0.26
N LEU A 259 3.06 -24.30 -0.92
CA LEU A 259 4.35 -24.09 -0.33
C LEU A 259 4.34 -22.94 0.67
N LEU A 260 3.29 -22.14 0.65
CA LEU A 260 3.30 -20.94 1.51
C LEU A 260 2.39 -21.06 2.73
N THR A 261 1.90 -22.24 3.05
CA THR A 261 1.13 -22.41 4.28
C THR A 261 2.07 -22.45 5.51
N GLU A 262 1.51 -22.32 6.71
CA GLU A 262 2.31 -22.41 7.93
C GLU A 262 3.04 -23.78 8.04
N GLU A 263 2.30 -24.84 7.73
CA GLU A 263 2.86 -26.20 7.82
C GLU A 263 4.03 -26.36 6.86
N ALA A 264 3.83 -25.89 5.66
CA ALA A 264 4.87 -25.93 4.67
C ALA A 264 6.09 -25.08 4.98
N TYR A 265 5.89 -23.86 5.43
CA TYR A 265 7.00 -23.02 5.82
C TYR A 265 7.81 -23.62 6.94
N ALA A 266 7.16 -24.31 7.87
CA ALA A 266 7.85 -24.89 9.05
C ALA A 266 8.64 -26.12 8.66
N ALA A 267 8.16 -26.83 7.63
CA ALA A 267 8.84 -28.00 7.06
C ALA A 267 9.94 -27.66 6.08
N ASP A 268 9.77 -26.57 5.33
CA ASP A 268 10.68 -26.20 4.27
C ASP A 268 10.64 -24.72 3.95
N HIS A 269 11.31 -23.96 4.80
CA HIS A 269 11.29 -22.53 4.67
C HIS A 269 12.00 -22.08 3.39
N LYS A 270 13.07 -22.78 2.97
CA LYS A 270 13.77 -22.39 1.75
C LYS A 270 12.89 -22.46 0.52
N ALA A 271 12.02 -23.44 0.47
CA ALA A 271 11.13 -23.61 -0.69
C ALA A 271 10.07 -22.48 -0.72
N ALA A 272 9.65 -22.07 0.46
CA ALA A 272 8.72 -20.95 0.58
C ALA A 272 9.41 -19.66 0.05
N ARG A 273 10.65 -19.45 0.47
CA ARG A 273 11.37 -18.24 0.07
C ARG A 273 11.60 -18.23 -1.44
N LYS A 274 12.00 -19.37 -1.97
CA LYS A 274 12.18 -19.52 -3.40
C LYS A 274 10.90 -19.24 -4.17
N ARG A 275 9.77 -19.73 -3.66
CA ARG A 275 8.49 -19.51 -4.31
C ARG A 275 8.06 -18.04 -4.30
N LEU A 276 8.30 -17.37 -3.18
CA LEU A 276 7.98 -15.94 -3.08
C LEU A 276 8.73 -15.17 -4.21
N LEU A 277 10.03 -15.42 -4.32
CA LEU A 277 10.83 -14.79 -5.39
C LEU A 277 10.36 -15.15 -6.79
N GLU A 278 10.01 -16.41 -7.03
CA GLU A 278 9.41 -16.78 -8.32
C GLU A 278 8.13 -16.02 -8.63
N ILE A 279 7.24 -15.90 -7.65
CA ILE A 279 6.01 -15.14 -7.87
C ILE A 279 6.33 -13.68 -8.19
N ALA A 280 7.22 -13.09 -7.40
CA ALA A 280 7.58 -11.68 -7.55
C ALA A 280 8.24 -11.38 -8.90
N GLY A 281 8.94 -12.35 -9.48
CA GLY A 281 9.58 -12.17 -10.80
C GLY A 281 8.64 -12.19 -11.99
N ARG A 282 7.47 -12.78 -11.84
CA ARG A 282 6.47 -12.79 -12.89
C ARG A 282 5.99 -11.39 -13.20
N PRO A 283 5.52 -11.14 -14.44
CA PRO A 283 5.02 -9.80 -14.76
C PRO A 283 3.72 -9.48 -14.06
N GLY A 284 3.50 -8.20 -13.75
CA GLY A 284 2.29 -7.81 -13.08
C GLY A 284 2.61 -7.59 -11.59
N ASN A 285 1.56 -7.23 -10.85
CA ASN A 285 1.71 -6.88 -9.44
C ASN A 285 0.87 -7.92 -8.67
N PRO A 286 1.55 -8.93 -8.11
CA PRO A 286 0.86 -10.02 -7.47
C PRO A 286 0.41 -9.69 -6.02
N VAL A 287 -0.73 -10.21 -5.65
CA VAL A 287 -1.20 -10.29 -4.27
C VAL A 287 -0.98 -11.71 -3.79
N ILE A 288 -0.30 -11.88 -2.67
CA ILE A 288 -0.09 -13.18 -2.09
C ILE A 288 -0.65 -13.20 -0.67
N CYS A 289 -1.68 -14.01 -0.45
CA CYS A 289 -2.36 -14.08 0.84
C CYS A 289 -1.98 -15.32 1.55
N THR A 290 -1.43 -15.15 2.74
CA THR A 290 -0.94 -16.26 3.54
C THR A 290 -1.16 -16.03 5.03
N GLN A 291 -0.40 -16.74 5.89
CA GLN A 291 -0.71 -16.85 7.32
C GLN A 291 0.34 -16.16 8.19
N GLY A 292 -0.04 -16.01 9.47
CA GLY A 292 0.75 -15.21 10.41
C GLY A 292 2.12 -15.76 10.76
N LYS A 293 2.33 -17.08 10.70
CA LYS A 293 3.64 -17.65 11.04
C LYS A 293 4.55 -17.63 9.89
N VAL A 294 4.06 -17.26 8.70
CA VAL A 294 4.83 -17.21 7.51
C VAL A 294 5.33 -15.80 7.13
N ILE A 295 4.43 -14.81 7.26
CA ILE A 295 4.74 -13.50 6.74
C ILE A 295 5.96 -12.77 7.38
N PRO A 296 6.00 -12.69 8.71
CA PRO A 296 7.09 -11.98 9.32
C PRO A 296 8.44 -12.54 8.90
N GLY A 297 8.56 -13.87 8.87
CA GLY A 297 9.83 -14.50 8.42
C GLY A 297 10.20 -14.22 6.98
N LEU A 298 9.22 -14.24 6.08
CA LEU A 298 9.49 -13.93 4.70
C LEU A 298 9.88 -12.45 4.54
N ILE A 299 9.15 -11.57 5.20
CA ILE A 299 9.39 -10.13 5.05
C ILE A 299 10.77 -9.77 5.63
N GLU A 300 11.09 -10.31 6.80
N GLU A 300 11.08 -10.33 6.79
CA GLU A 300 12.37 -10.02 7.47
CA GLU A 300 12.35 -10.04 7.46
C GLU A 300 13.51 -10.52 6.61
C GLU A 300 13.51 -10.52 6.62
N TRP A 301 13.38 -11.72 6.08
CA TRP A 301 14.43 -12.28 5.23
C TRP A 301 14.66 -11.45 3.97
N TRP A 302 13.59 -11.05 3.28
CA TRP A 302 13.79 -10.20 2.14
C TRP A 302 14.37 -8.81 2.49
N CYS A 303 13.87 -8.17 3.53
CA CYS A 303 14.32 -6.83 3.89
C CYS A 303 15.82 -6.90 4.24
N GLU A 304 16.20 -7.91 5.02
CA GLU A 304 17.60 -8.12 5.39
C GLU A 304 18.53 -8.32 4.23
N ARG A 305 18.16 -9.18 3.31
CA ARG A 305 19.01 -9.44 2.18
C ARG A 305 19.11 -8.24 1.24
N ALA A 306 18.11 -7.36 1.24
CA ALA A 306 18.11 -6.19 0.33
C ALA A 306 18.51 -4.90 1.00
N LYS A 307 18.71 -4.91 2.32
CA LYS A 307 19.03 -3.79 3.20
C LYS A 307 17.94 -2.72 3.14
N VAL A 308 16.70 -3.18 3.26
CA VAL A 308 15.52 -2.28 3.26
C VAL A 308 14.99 -2.28 4.69
N ARG A 309 14.65 -1.08 5.16
CA ARG A 309 14.20 -0.85 6.49
C ARG A 309 12.74 -0.49 6.43
N PRO A 310 11.89 -1.36 6.96
CA PRO A 310 10.48 -0.88 7.02
C PRO A 310 10.24 0.20 8.04
N GLU A 311 9.42 1.18 7.70
CA GLU A 311 9.14 2.25 8.65
C GLU A 311 8.14 1.84 9.70
N THR A 312 7.23 0.94 9.32
CA THR A 312 6.24 0.41 10.27
C THR A 312 6.34 -1.11 10.24
N THR A 313 5.82 -1.71 11.31
N THR A 313 5.90 -1.79 11.29
CA THR A 313 5.82 -3.17 11.48
CA THR A 313 5.90 -3.29 11.25
C THR A 313 4.49 -3.63 12.03
C THR A 313 4.74 -3.78 12.11
N GLY A 314 4.09 -4.84 11.63
CA GLY A 314 3.02 -5.47 12.28
C GLY A 314 2.76 -6.77 11.54
N ASN A 315 1.69 -7.42 11.97
CA ASN A 315 1.37 -8.75 11.34
C ASN A 315 -0.12 -9.08 11.58
N ARG A 316 -1.00 -8.05 11.57
CA ARG A 316 -2.40 -8.28 11.97
C ARG A 316 -3.19 -9.02 10.85
N LYS A 317 -4.22 -9.76 11.22
CA LYS A 317 -5.12 -10.37 10.21
C LYS A 317 -5.72 -9.24 9.44
N GLY A 318 -5.68 -9.37 8.13
CA GLY A 318 -6.20 -8.39 7.17
C GLY A 318 -5.17 -7.34 6.80
N SER A 319 -3.95 -7.41 7.34
CA SER A 319 -2.90 -6.43 7.02
C SER A 319 -2.25 -6.73 5.67
N THR A 320 -1.51 -5.74 5.15
CA THR A 320 -0.88 -5.83 3.85
C THR A 320 0.55 -5.29 3.94
N TRP A 321 1.52 -6.04 3.42
CA TRP A 321 2.84 -5.49 3.12
C TRP A 321 2.92 -5.13 1.68
N VAL A 322 3.28 -3.87 1.40
CA VAL A 322 3.52 -3.41 0.05
C VAL A 322 5.03 -3.45 -0.17
N LEU A 323 5.46 -4.35 -1.05
CA LEU A 323 6.87 -4.54 -1.35
C LEU A 323 7.11 -3.91 -2.75
N SER A 324 7.97 -2.88 -2.82
CA SER A 324 8.20 -2.15 -4.04
C SER A 324 9.54 -2.66 -4.59
N LEU A 325 9.52 -3.01 -5.85
CA LEU A 325 10.70 -3.55 -6.55
C LEU A 325 11.09 -2.64 -7.69
N SER A 326 12.41 -2.51 -7.88
CA SER A 326 12.98 -1.77 -8.99
C SER A 326 14.05 -2.68 -9.60
N ASP A 327 13.85 -3.04 -10.87
CA ASP A 327 14.77 -3.97 -11.58
C ASP A 327 14.92 -5.26 -10.79
N GLY A 328 13.80 -5.76 -10.30
CA GLY A 328 13.77 -6.90 -9.44
C GLY A 328 14.49 -6.77 -8.11
N GLU A 329 14.90 -5.58 -7.67
CA GLU A 329 15.40 -5.50 -6.29
C GLU A 329 14.39 -4.78 -5.36
N LEU A 330 14.30 -5.25 -4.13
CA LEU A 330 13.44 -4.64 -3.12
C LEU A 330 13.96 -3.26 -2.72
N VAL A 331 13.11 -2.25 -2.84
CA VAL A 331 13.42 -0.90 -2.41
C VAL A 331 12.46 -0.27 -1.40
N GLY A 332 11.43 -0.98 -1.03
CA GLY A 332 10.52 -0.51 -0.03
C GLY A 332 9.70 -1.68 0.51
N ALA A 333 9.38 -1.62 1.81
CA ALA A 333 8.53 -2.61 2.47
C ALA A 333 7.63 -1.87 3.48
N ASP A 334 6.38 -1.65 3.09
CA ASP A 334 5.45 -0.80 3.81
C ASP A 334 4.29 -1.62 4.38
N TYR A 335 4.22 -1.67 5.69
CA TYR A 335 3.19 -2.37 6.44
C TYR A 335 1.91 -1.50 6.59
N LEU A 336 0.80 -1.95 6.03
CA LEU A 336 -0.49 -1.33 6.19
C LEU A 336 -1.36 -2.06 7.16
N SER A 337 -1.97 -1.30 8.06
N SER A 337 -1.96 -1.32 8.07
CA SER A 337 -2.93 -1.90 9.01
CA SER A 337 -2.88 -1.97 9.02
C SER A 337 -4.12 -2.56 8.31
C SER A 337 -4.06 -2.62 8.30
N PRO A 338 -4.80 -3.49 9.00
CA PRO A 338 -6.07 -4.01 8.47
C PRO A 338 -7.04 -2.86 8.19
N PRO A 339 -7.95 -3.06 7.26
CA PRO A 339 -8.76 -1.95 6.79
C PRO A 339 -9.70 -1.43 7.82
N ASP A 340 -10.03 -2.23 8.81
CA ASP A 340 -10.94 -1.77 9.86
C ASP A 340 -10.19 -1.48 11.15
N GLU A 341 -8.87 -1.25 11.06
CA GLU A 341 -8.10 -0.87 12.23
C GLU A 341 -7.30 0.39 11.92
N LYS A 342 -6.80 1.06 12.96
CA LYS A 342 -5.79 2.14 12.78
C LYS A 342 -4.34 1.59 12.76
#